data_1MJB
#
_entry.id   1MJB
#
_cell.length_a   181.783
_cell.length_b   181.783
_cell.length_c   181.783
_cell.angle_alpha   90.00
_cell.angle_beta   90.00
_cell.angle_gamma   90.00
#
_symmetry.space_group_name_H-M   'I 41 3 2'
#
loop_
_entity.id
_entity.type
_entity.pdbx_description
1 polymer 'Esa1 protein'
2 non-polymer 'ACETYL COENZYME *A'
3 water water
#
_entity_poly.entity_id   1
_entity_poly.type   'polypeptide(L)'
_entity_poly.pdbx_seq_one_letter_code
;MKEVARVRNLNRIIMGKYEIEPWYFSPYPIELTDEDFIYIDDFTLQYFGSKKQYERYRKKCTLRHPPGNEIYRDDYVSFF
EIDGRKQRTWCRNLCLLSKLFLDHKTLYYDVDPFLFYCMTRRDELGHHLVGYFSKEKESADGYNVA(CSO)ILTLPQYQR
MGYGKLLIEFSYELSKKENKVGSPQKPLSDLGLLSYRAYWSDTLITLLVEHQKEITIDEISSMTSMTTTDILHTAKTLNI
LRYYKGQHIIFLNEDILDRYNRLKAKKRRTIDPNRLIWKPPV
;
_entity_poly.pdbx_strand_id   A
#
# COMPACT_ATOMS: atom_id res chain seq x y z
N ALA A 5 -21.02 25.32 25.63
CA ALA A 5 -20.05 25.41 24.50
C ALA A 5 -19.32 24.09 24.27
N ARG A 6 -19.71 23.38 23.23
CA ARG A 6 -19.08 22.11 22.92
C ARG A 6 -17.81 22.27 22.09
N VAL A 7 -16.77 21.56 22.52
CA VAL A 7 -15.48 21.58 21.83
C VAL A 7 -15.26 20.13 21.43
N ARG A 8 -15.73 19.78 20.24
CA ARG A 8 -15.67 18.42 19.75
C ARG A 8 -14.38 17.97 19.07
N ASN A 9 -14.17 16.66 19.11
CA ASN A 9 -13.03 16.04 18.49
C ASN A 9 -13.48 15.60 17.10
N LEU A 10 -12.55 15.28 16.21
CA LEU A 10 -12.91 14.85 14.86
C LEU A 10 -13.37 13.39 14.95
N ASN A 11 -14.68 13.19 14.96
CA ASN A 11 -15.23 11.83 15.08
C ASN A 11 -15.63 11.17 13.77
N ARG A 12 -15.66 11.94 12.68
CA ARG A 12 -16.01 11.37 11.40
C ARG A 12 -15.63 12.27 10.23
N ILE A 13 -15.16 11.64 9.16
CA ILE A 13 -14.79 12.37 7.95
C ILE A 13 -15.78 11.93 6.88
N ILE A 14 -16.19 12.87 6.03
CA ILE A 14 -17.11 12.56 4.97
C ILE A 14 -16.33 12.61 3.66
N MET A 15 -16.13 11.44 3.07
CA MET A 15 -15.38 11.30 1.83
C MET A 15 -16.27 10.65 0.79
N GLY A 16 -16.79 11.47 -0.12
CA GLY A 16 -17.69 10.95 -1.13
C GLY A 16 -18.96 10.55 -0.39
N LYS A 17 -19.46 9.35 -0.67
CA LYS A 17 -20.66 8.86 -0.01
C LYS A 17 -20.33 8.22 1.34
N TYR A 18 -19.05 8.09 1.65
CA TYR A 18 -18.64 7.46 2.91
C TYR A 18 -18.47 8.38 4.11
N GLU A 19 -18.98 7.92 5.24
CA GLU A 19 -18.85 8.66 6.50
C GLU A 19 -18.00 7.71 7.32
N ILE A 20 -16.71 8.03 7.41
CA ILE A 20 -15.74 7.18 8.11
C ILE A 20 -15.31 7.69 9.49
N GLU A 21 -15.30 6.78 10.48
CA GLU A 21 -14.89 7.14 11.83
C GLU A 21 -13.39 6.85 11.97
N PRO A 22 -12.59 7.87 12.35
CA PRO A 22 -11.14 7.69 12.51
C PRO A 22 -10.82 6.65 13.58
N TRP A 23 -9.63 6.04 13.50
CA TRP A 23 -9.19 5.06 14.49
C TRP A 23 -8.28 5.77 15.47
N TYR A 24 -7.55 6.77 14.99
CA TYR A 24 -6.63 7.54 15.81
C TYR A 24 -6.74 9.03 15.50
N PHE A 25 -6.11 9.84 16.33
CA PHE A 25 -6.11 11.29 16.18
C PHE A 25 -5.14 11.73 15.08
N SER A 26 -5.54 12.71 14.27
CA SER A 26 -4.69 13.25 13.22
C SER A 26 -4.65 14.76 13.40
N PRO A 27 -3.47 15.38 13.30
CA PRO A 27 -3.28 16.82 13.46
C PRO A 27 -3.83 17.76 12.40
N TYR A 28 -5.08 17.57 11.97
CA TYR A 28 -5.64 18.48 10.98
C TYR A 28 -5.63 19.88 11.59
N PRO A 29 -5.03 20.86 10.88
CA PRO A 29 -4.97 22.23 11.39
C PRO A 29 -6.34 22.88 11.29
N ILE A 30 -7.30 22.38 12.06
CA ILE A 30 -8.65 22.91 12.02
C ILE A 30 -9.14 23.39 13.38
N GLU A 31 -10.12 24.27 13.35
CA GLU A 31 -10.69 24.79 14.57
C GLU A 31 -11.59 23.75 15.21
N LEU A 32 -11.54 23.66 16.53
CA LEU A 32 -12.39 22.74 17.27
C LEU A 32 -13.72 23.47 17.45
N THR A 33 -14.82 22.84 17.05
CA THR A 33 -16.13 23.48 17.16
C THR A 33 -17.14 22.52 17.78
N ASP A 34 -18.42 22.90 17.71
CA ASP A 34 -19.49 22.07 18.27
C ASP A 34 -19.87 20.96 17.30
N GLU A 35 -19.17 20.88 16.17
CA GLU A 35 -19.43 19.83 15.18
C GLU A 35 -18.27 18.86 15.25
N ASP A 36 -18.49 17.61 14.84
CA ASP A 36 -17.42 16.61 14.92
C ASP A 36 -17.07 15.95 13.60
N PHE A 37 -17.27 16.69 12.50
CA PHE A 37 -16.98 16.15 11.17
C PHE A 37 -16.26 17.16 10.30
N ILE A 38 -15.64 16.66 9.24
CA ILE A 38 -14.98 17.48 8.26
C ILE A 38 -15.16 16.77 6.92
N TYR A 39 -15.16 17.51 5.84
CA TYR A 39 -15.29 16.91 4.53
C TYR A 39 -13.91 16.75 3.94
N ILE A 40 -13.69 15.59 3.30
CA ILE A 40 -12.41 15.32 2.65
C ILE A 40 -12.75 15.06 1.18
N ASP A 41 -12.27 15.92 0.29
CA ASP A 41 -12.51 15.75 -1.14
C ASP A 41 -11.80 14.48 -1.59
N ASP A 42 -12.53 13.54 -2.20
CA ASP A 42 -11.89 12.29 -2.61
C ASP A 42 -10.89 12.40 -3.77
N PHE A 43 -10.69 13.61 -4.28
CA PHE A 43 -9.73 13.81 -5.37
C PHE A 43 -8.54 14.64 -4.88
N THR A 44 -8.84 15.80 -4.29
CA THR A 44 -7.82 16.70 -3.79
C THR A 44 -7.37 16.36 -2.36
N LEU A 45 -8.20 15.63 -1.65
CA LEU A 45 -7.90 15.24 -0.26
C LEU A 45 -7.95 16.46 0.67
N GLN A 46 -8.40 17.59 0.14
CA GLN A 46 -8.49 18.81 0.94
C GLN A 46 -9.62 18.65 1.97
N TYR A 47 -9.44 19.25 3.13
CA TYR A 47 -10.43 19.16 4.21
C TYR A 47 -11.26 20.43 4.36
N PHE A 48 -12.54 20.25 4.70
CA PHE A 48 -13.45 21.38 4.87
C PHE A 48 -14.36 21.20 6.08
N GLY A 49 -14.52 22.28 6.86
CA GLY A 49 -15.37 22.23 8.03
C GLY A 49 -16.83 22.37 7.70
N SER A 50 -17.13 22.90 6.51
CA SER A 50 -18.52 23.08 6.11
C SER A 50 -18.83 22.44 4.76
N LYS A 51 -20.01 21.83 4.67
CA LYS A 51 -20.44 21.18 3.44
C LYS A 51 -20.42 22.21 2.32
N LYS A 52 -20.92 23.41 2.63
CA LYS A 52 -20.97 24.51 1.69
C LYS A 52 -19.59 24.81 1.11
N GLN A 53 -18.59 24.87 1.98
CA GLN A 53 -17.22 25.14 1.55
C GLN A 53 -16.75 24.03 0.61
N TYR A 54 -16.98 22.78 1.03
CA TYR A 54 -16.60 21.62 0.25
C TYR A 54 -17.20 21.71 -1.16
N GLU A 55 -18.48 22.04 -1.21
CA GLU A 55 -19.21 22.15 -2.47
C GLU A 55 -18.57 23.23 -3.34
N ARG A 56 -18.32 24.39 -2.74
CA ARG A 56 -17.73 25.52 -3.44
C ARG A 56 -16.45 25.12 -4.19
N TYR A 57 -15.60 24.34 -3.54
CA TYR A 57 -14.35 23.91 -4.17
C TYR A 57 -14.50 22.68 -5.06
N ARG A 58 -15.53 21.88 -4.79
CA ARG A 58 -15.79 20.68 -5.57
C ARG A 58 -16.12 21.05 -7.03
N LYS A 59 -16.76 22.20 -7.20
CA LYS A 59 -17.14 22.69 -8.52
C LYS A 59 -15.95 23.06 -9.39
N LYS A 60 -14.85 23.47 -8.75
CA LYS A 60 -13.64 23.87 -9.48
C LYS A 60 -13.16 22.80 -10.44
N CYS A 61 -12.42 23.23 -11.46
CA CYS A 61 -11.88 22.32 -12.46
C CYS A 61 -10.61 21.65 -11.93
N THR A 62 -10.63 20.33 -11.83
CA THR A 62 -9.47 19.58 -11.33
C THR A 62 -9.39 18.20 -11.94
N LEU A 63 -8.18 17.65 -12.00
CA LEU A 63 -7.98 16.31 -12.53
C LEU A 63 -8.67 15.33 -11.60
N ARG A 64 -9.14 14.21 -12.15
CA ARG A 64 -9.83 13.23 -11.35
C ARG A 64 -9.00 12.00 -11.03
N HIS A 65 -7.78 12.23 -10.55
CA HIS A 65 -6.86 11.16 -10.16
C HIS A 65 -5.66 11.78 -9.46
N PRO A 66 -4.89 10.98 -8.71
CA PRO A 66 -3.70 11.46 -7.99
C PRO A 66 -2.75 12.29 -8.86
N PRO A 67 -2.13 13.34 -8.29
CA PRO A 67 -1.21 14.22 -9.02
C PRO A 67 0.18 13.64 -9.25
N GLY A 68 0.27 12.66 -10.16
CA GLY A 68 1.57 12.08 -10.44
C GLY A 68 1.60 11.34 -11.76
N ASN A 69 2.74 10.75 -12.07
CA ASN A 69 2.90 9.98 -13.30
C ASN A 69 2.28 8.61 -13.15
N GLU A 70 1.46 8.21 -14.12
CA GLU A 70 0.83 6.89 -14.09
C GLU A 70 1.84 5.90 -14.64
N ILE A 71 2.60 5.25 -13.75
CA ILE A 71 3.62 4.30 -14.18
C ILE A 71 3.13 2.86 -14.33
N TYR A 72 1.86 2.62 -14.01
CA TYR A 72 1.27 1.30 -14.12
C TYR A 72 -0.21 1.47 -14.41
N ARG A 73 -0.71 0.70 -15.37
CA ARG A 73 -2.14 0.78 -15.71
C ARG A 73 -2.64 -0.51 -16.35
N ASP A 74 -3.50 -1.24 -15.66
CA ASP A 74 -4.08 -2.44 -16.24
C ASP A 74 -5.60 -2.23 -16.19
N ASP A 75 -6.37 -3.23 -16.59
CA ASP A 75 -7.82 -3.09 -16.60
C ASP A 75 -8.50 -2.96 -15.24
N TYR A 76 -7.74 -3.22 -14.17
CA TYR A 76 -8.27 -3.15 -12.81
C TYR A 76 -7.84 -1.91 -12.01
N VAL A 77 -6.54 -1.62 -12.00
CA VAL A 77 -6.02 -0.48 -11.25
C VAL A 77 -4.92 0.29 -11.97
N SER A 78 -4.59 1.46 -11.41
CA SER A 78 -3.53 2.31 -11.91
C SER A 78 -2.67 2.72 -10.70
N PHE A 79 -1.39 2.98 -10.94
CA PHE A 79 -0.51 3.43 -9.86
C PHE A 79 0.10 4.74 -10.29
N PHE A 80 0.04 5.73 -9.42
CA PHE A 80 0.61 7.03 -9.71
C PHE A 80 1.79 7.27 -8.78
N GLU A 81 2.93 7.64 -9.35
CA GLU A 81 4.13 7.90 -8.57
C GLU A 81 4.20 9.41 -8.37
N ILE A 82 4.18 9.81 -7.10
CA ILE A 82 4.20 11.24 -6.76
C ILE A 82 5.41 11.58 -5.90
N ASP A 83 6.15 12.60 -6.31
CA ASP A 83 7.31 13.07 -5.58
C ASP A 83 6.75 14.09 -4.58
N GLY A 84 6.86 13.77 -3.28
CA GLY A 84 6.33 14.66 -2.26
C GLY A 84 6.74 16.11 -2.40
N ARG A 85 7.99 16.35 -2.77
CA ARG A 85 8.49 17.72 -2.93
C ARG A 85 7.77 18.46 -4.05
N LYS A 86 7.29 17.72 -5.04
CA LYS A 86 6.59 18.31 -6.18
C LYS A 86 5.09 18.49 -5.96
N GLN A 87 4.55 17.81 -4.96
CA GLN A 87 3.12 17.92 -4.66
C GLN A 87 2.93 17.99 -3.14
N ARG A 88 3.59 18.96 -2.52
CA ARG A 88 3.53 19.14 -1.07
C ARG A 88 2.15 19.18 -0.46
N THR A 89 1.30 20.05 -0.98
CA THR A 89 -0.06 20.19 -0.45
C THR A 89 -0.85 18.89 -0.51
N TRP A 90 -0.91 18.28 -1.68
CA TRP A 90 -1.68 17.04 -1.86
C TRP A 90 -1.14 15.93 -0.95
N CYS A 91 0.17 15.75 -0.96
CA CYS A 91 0.80 14.72 -0.15
C CYS A 91 0.63 14.98 1.35
N ARG A 92 0.64 16.24 1.76
CA ARG A 92 0.44 16.54 3.19
C ARG A 92 -0.98 16.14 3.55
N ASN A 93 -1.92 16.42 2.64
CA ASN A 93 -3.32 16.07 2.88
C ASN A 93 -3.46 14.55 2.94
N LEU A 94 -2.70 13.84 2.12
CA LEU A 94 -2.74 12.38 2.10
C LEU A 94 -2.23 11.86 3.45
N CYS A 95 -1.14 12.44 3.94
CA CYS A 95 -0.57 12.01 5.21
C CYS A 95 -1.49 12.29 6.40
N LEU A 96 -2.21 13.41 6.37
CA LEU A 96 -3.15 13.72 7.44
C LEU A 96 -4.27 12.68 7.46
N LEU A 97 -4.74 12.33 6.27
CA LEU A 97 -5.80 11.34 6.13
C LEU A 97 -5.31 9.99 6.61
N SER A 98 -4.08 9.65 6.22
CA SER A 98 -3.47 8.39 6.59
C SER A 98 -3.33 8.24 8.12
N LYS A 99 -2.85 9.29 8.77
CA LYS A 99 -2.65 9.27 10.22
C LYS A 99 -3.91 8.94 11.02
N LEU A 100 -5.08 9.15 10.43
CA LEU A 100 -6.34 8.84 11.12
C LEU A 100 -6.46 7.34 11.33
N PHE A 101 -5.66 6.57 10.61
CA PHE A 101 -5.73 5.12 10.71
C PHE A 101 -4.40 4.47 11.07
N LEU A 102 -3.50 5.28 11.61
CA LEU A 102 -2.17 4.84 12.03
C LEU A 102 -1.91 5.31 13.48
N ASP A 103 -1.35 4.43 14.30
CA ASP A 103 -1.04 4.78 15.68
C ASP A 103 0.02 5.88 15.70
N HIS A 104 1.00 5.78 14.81
CA HIS A 104 2.07 6.75 14.70
C HIS A 104 2.46 6.98 13.25
N LYS A 105 2.85 8.20 12.93
CA LYS A 105 3.33 8.54 11.58
C LYS A 105 4.24 9.75 11.69
N THR A 106 5.32 9.74 10.92
CA THR A 106 6.26 10.86 10.95
C THR A 106 5.52 12.16 10.64
N LEU A 107 6.07 13.28 11.10
CA LEU A 107 5.48 14.61 10.87
C LEU A 107 4.83 14.71 9.49
N TYR A 108 3.51 14.87 9.46
CA TYR A 108 2.76 14.93 8.21
C TYR A 108 3.18 16.03 7.24
N TYR A 109 3.69 17.12 7.80
CA TYR A 109 4.10 18.28 7.01
C TYR A 109 5.33 18.09 6.11
N ASP A 110 6.28 17.29 6.56
CA ASP A 110 7.50 17.09 5.78
C ASP A 110 7.37 15.90 4.82
N VAL A 111 6.93 16.17 3.60
CA VAL A 111 6.73 15.13 2.59
C VAL A 111 7.86 15.03 1.57
N ASP A 112 8.76 16.02 1.56
CA ASP A 112 9.87 16.04 0.60
C ASP A 112 10.71 14.77 0.48
N PRO A 113 11.03 14.12 1.61
CA PRO A 113 11.84 12.89 1.57
C PRO A 113 11.14 11.65 0.99
N PHE A 114 9.86 11.77 0.67
CA PHE A 114 9.13 10.61 0.18
C PHE A 114 8.60 10.61 -1.24
N LEU A 115 8.39 9.40 -1.73
CA LEU A 115 7.80 9.15 -3.03
C LEU A 115 6.53 8.41 -2.60
N PHE A 116 5.39 8.80 -3.16
CA PHE A 116 4.13 8.17 -2.83
C PHE A 116 3.59 7.45 -4.06
N TYR A 117 3.23 6.18 -3.87
CA TYR A 117 2.68 5.36 -4.95
C TYR A 117 1.24 5.11 -4.58
N CYS A 118 0.35 5.85 -5.23
CA CYS A 118 -1.08 5.80 -4.98
C CYS A 118 -1.81 4.95 -6.00
N MET A 119 -2.60 4.01 -5.49
CA MET A 119 -3.34 3.09 -6.33
C MET A 119 -4.79 3.52 -6.45
N THR A 120 -5.30 3.49 -7.67
CA THR A 120 -6.68 3.85 -7.93
C THR A 120 -7.37 2.70 -8.63
N ARG A 121 -8.68 2.59 -8.42
CA ARG A 121 -9.48 1.59 -9.08
C ARG A 121 -10.28 2.42 -10.08
N ARG A 122 -10.35 1.96 -11.32
CA ARG A 122 -11.08 2.69 -12.34
C ARG A 122 -12.43 2.04 -12.64
N ASP A 123 -13.46 2.87 -12.64
CA ASP A 123 -14.84 2.45 -12.89
C ASP A 123 -15.39 3.23 -14.07
N GLU A 124 -16.68 3.06 -14.30
CA GLU A 124 -17.34 3.78 -15.38
C GLU A 124 -17.38 5.23 -14.90
N LEU A 125 -17.08 5.43 -13.62
CA LEU A 125 -17.07 6.75 -13.00
C LEU A 125 -15.67 7.36 -12.95
N GLY A 126 -14.67 6.62 -13.42
CA GLY A 126 -13.32 7.15 -13.43
C GLY A 126 -12.42 6.57 -12.34
N HIS A 127 -11.43 7.34 -11.92
CA HIS A 127 -10.47 6.91 -10.89
C HIS A 127 -11.00 7.11 -9.48
N HIS A 128 -10.65 6.18 -8.60
CA HIS A 128 -11.04 6.23 -7.19
C HIS A 128 -9.84 5.78 -6.38
N LEU A 129 -9.27 6.70 -5.60
CA LEU A 129 -8.12 6.37 -4.75
C LEU A 129 -8.55 5.34 -3.72
N VAL A 130 -7.85 4.20 -3.67
CA VAL A 130 -8.21 3.17 -2.70
C VAL A 130 -7.09 2.91 -1.68
N GLY A 131 -5.86 3.27 -2.03
CA GLY A 131 -4.75 3.06 -1.11
C GLY A 131 -3.44 3.58 -1.64
N TYR A 132 -2.39 3.49 -0.83
CA TYR A 132 -1.07 3.97 -1.22
C TYR A 132 0.00 3.40 -0.30
N PHE A 133 1.25 3.61 -0.66
CA PHE A 133 2.38 3.28 0.18
C PHE A 133 3.42 4.32 -0.15
N SER A 134 4.06 4.84 0.89
CA SER A 134 5.10 5.83 0.73
C SER A 134 6.43 5.09 0.77
N LYS A 135 7.48 5.74 0.31
CA LYS A 135 8.80 5.14 0.27
C LYS A 135 9.85 6.23 0.38
N GLU A 136 10.84 6.02 1.24
CA GLU A 136 11.90 7.00 1.42
C GLU A 136 12.70 7.05 0.12
N LYS A 137 12.99 8.25 -0.37
CA LYS A 137 13.78 8.39 -1.58
C LYS A 137 15.14 7.79 -1.29
N GLU A 138 15.56 7.92 -0.04
CA GLU A 138 16.84 7.40 0.43
C GLU A 138 16.69 6.72 1.79
N SER A 139 16.67 5.39 1.82
CA SER A 139 16.53 4.67 3.08
C SER A 139 17.81 3.99 3.50
N ALA A 140 18.34 4.40 4.65
CA ALA A 140 19.58 3.83 5.17
C ALA A 140 19.40 2.35 5.45
N ASP A 141 18.17 1.96 5.79
CA ASP A 141 17.88 0.56 6.10
C ASP A 141 17.38 -0.24 4.89
N GLY A 142 17.28 0.42 3.74
CA GLY A 142 16.83 -0.27 2.55
C GLY A 142 15.35 -0.65 2.54
N TYR A 143 14.55 0.04 3.34
CA TYR A 143 13.12 -0.22 3.40
C TYR A 143 12.48 0.12 2.05
N ASN A 144 11.71 -0.82 1.48
CA ASN A 144 11.08 -0.56 0.19
C ASN A 144 9.66 0.00 0.35
N VAL A 145 9.27 0.20 1.61
CA VAL A 145 7.98 0.78 1.98
C VAL A 145 8.11 1.46 3.35
N ALA A 146 7.47 2.62 3.50
CA ALA A 146 7.47 3.37 4.78
C ALA A 146 6.14 3.03 5.60
N ILE A 148 1.91 1.99 4.63
CA ILE A 148 1.10 1.52 3.57
C ILE A 148 -0.28 1.62 4.10
N LEU A 149 -1.20 1.93 3.23
CA LEU A 149 -2.55 2.11 3.71
C LEU A 149 -3.61 1.83 2.66
N THR A 150 -4.67 1.13 3.07
CA THR A 150 -5.81 0.91 2.19
C THR A 150 -6.90 1.72 2.90
N LEU A 151 -7.52 2.67 2.22
CA LEU A 151 -8.56 3.45 2.87
C LEU A 151 -9.59 2.49 3.49
N PRO A 152 -10.07 2.81 4.71
CA PRO A 152 -11.04 2.01 5.45
C PRO A 152 -12.22 1.48 4.65
N GLN A 153 -12.86 2.37 3.89
CA GLN A 153 -14.02 1.99 3.09
C GLN A 153 -13.69 0.94 2.02
N TYR A 154 -12.39 0.73 1.78
CA TYR A 154 -11.96 -0.24 0.76
C TYR A 154 -11.15 -1.41 1.32
N GLN A 155 -11.00 -1.48 2.63
CA GLN A 155 -10.20 -2.55 3.23
C GLN A 155 -10.85 -3.93 3.11
N ARG A 156 -10.00 -4.95 3.12
CA ARG A 156 -10.43 -6.33 3.02
C ARG A 156 -11.06 -6.66 1.67
N MET A 157 -10.49 -6.09 0.61
CA MET A 157 -10.95 -6.31 -0.75
C MET A 157 -9.78 -6.78 -1.62
N GLY A 158 -8.63 -6.97 -0.98
CA GLY A 158 -7.45 -7.41 -1.72
C GLY A 158 -6.52 -6.30 -2.20
N TYR A 159 -6.90 -5.05 -1.95
CA TYR A 159 -6.10 -3.92 -2.41
C TYR A 159 -4.76 -3.83 -1.68
N GLY A 160 -4.75 -4.15 -0.40
CA GLY A 160 -3.50 -4.11 0.36
C GLY A 160 -2.45 -5.03 -0.22
N LYS A 161 -2.85 -6.24 -0.60
CA LYS A 161 -1.90 -7.20 -1.15
C LYS A 161 -1.36 -6.70 -2.49
N LEU A 162 -2.19 -5.96 -3.22
CA LEU A 162 -1.78 -5.41 -4.50
C LEU A 162 -0.72 -4.31 -4.27
N LEU A 163 -0.96 -3.49 -3.25
CA LEU A 163 -0.03 -2.42 -2.91
C LEU A 163 1.34 -3.03 -2.57
N ILE A 164 1.32 -4.07 -1.75
CA ILE A 164 2.56 -4.73 -1.36
C ILE A 164 3.25 -5.35 -2.56
N GLU A 165 2.51 -6.09 -3.37
CA GLU A 165 3.08 -6.73 -4.55
C GLU A 165 3.74 -5.68 -5.45
N PHE A 166 3.10 -4.53 -5.60
CA PHE A 166 3.65 -3.46 -6.43
C PHE A 166 4.97 -2.95 -5.84
N SER A 167 5.03 -2.77 -4.53
CA SER A 167 6.26 -2.27 -3.91
C SER A 167 7.42 -3.21 -4.21
N TYR A 168 7.16 -4.51 -4.27
CA TYR A 168 8.24 -5.45 -4.58
C TYR A 168 8.62 -5.40 -6.07
N GLU A 169 7.68 -5.05 -6.93
CA GLU A 169 8.00 -4.94 -8.36
C GLU A 169 8.96 -3.76 -8.59
N LEU A 170 8.83 -2.73 -7.76
CA LEU A 170 9.73 -1.58 -7.87
C LEU A 170 11.13 -2.05 -7.44
N SER A 171 11.18 -2.76 -6.33
CA SER A 171 12.45 -3.28 -5.81
C SER A 171 13.12 -4.17 -6.87
N LYS A 172 12.32 -5.03 -7.49
CA LYS A 172 12.84 -5.94 -8.50
C LYS A 172 13.43 -5.13 -9.66
N LYS A 173 12.67 -4.14 -10.12
CA LYS A 173 13.16 -3.31 -11.22
C LYS A 173 14.45 -2.61 -10.80
N GLU A 174 14.60 -2.32 -9.51
CA GLU A 174 15.80 -1.65 -9.00
C GLU A 174 16.96 -2.60 -8.74
N ASN A 175 16.73 -3.90 -8.89
CA ASN A 175 17.79 -4.89 -8.66
C ASN A 175 18.24 -4.89 -7.22
N LYS A 176 17.29 -4.74 -6.30
CA LYS A 176 17.60 -4.75 -4.87
C LYS A 176 16.54 -5.49 -4.09
N VAL A 177 16.94 -6.07 -2.96
CA VAL A 177 15.97 -6.74 -2.10
C VAL A 177 15.45 -5.59 -1.24
N GLY A 178 14.29 -5.79 -0.62
CA GLY A 178 13.73 -4.76 0.22
C GLY A 178 12.76 -5.35 1.21
N SER A 179 12.44 -4.59 2.26
CA SER A 179 11.50 -5.03 3.30
C SER A 179 10.81 -3.78 3.85
N PRO A 180 9.56 -3.91 4.32
CA PRO A 180 8.83 -2.77 4.87
C PRO A 180 9.50 -2.22 6.13
N GLN A 181 9.31 -0.92 6.37
CA GLN A 181 9.89 -0.28 7.53
C GLN A 181 9.37 -0.90 8.83
N LYS A 182 10.25 -1.07 9.81
CA LYS A 182 9.86 -1.63 11.11
C LYS A 182 9.84 -0.47 12.10
N PRO A 183 8.96 -0.53 13.12
CA PRO A 183 8.03 -1.63 13.36
C PRO A 183 6.76 -1.48 12.53
N LEU A 184 6.09 -2.59 12.27
CA LEU A 184 4.86 -2.58 11.50
C LEU A 184 3.68 -2.74 12.46
N SER A 185 2.54 -2.19 12.10
CA SER A 185 1.34 -2.34 12.91
C SER A 185 0.97 -3.82 12.78
N ASP A 186 0.13 -4.33 13.66
CA ASP A 186 -0.27 -5.74 13.57
C ASP A 186 -0.96 -5.98 12.23
N LEU A 187 -1.85 -5.06 11.85
CA LEU A 187 -2.56 -5.17 10.56
C LEU A 187 -1.54 -5.28 9.43
N GLY A 188 -0.56 -4.39 9.45
CA GLY A 188 0.48 -4.39 8.43
C GLY A 188 1.31 -5.67 8.40
N LEU A 189 1.80 -6.10 9.57
CA LEU A 189 2.61 -7.32 9.61
C LEU A 189 1.83 -8.55 9.17
N LEU A 190 0.56 -8.65 9.57
CA LEU A 190 -0.23 -9.80 9.17
C LEU A 190 -0.47 -9.81 7.66
N SER A 191 -0.61 -8.63 7.06
CA SER A 191 -0.80 -8.55 5.63
C SER A 191 0.47 -8.97 4.87
N TYR A 192 1.63 -8.56 5.38
CA TYR A 192 2.88 -8.95 4.76
C TYR A 192 3.13 -10.45 4.88
N ARG A 193 2.81 -11.02 6.03
CA ARG A 193 2.99 -12.44 6.24
C ARG A 193 2.16 -13.24 5.25
N ALA A 194 0.93 -12.78 4.99
CA ALA A 194 0.06 -13.46 4.04
C ALA A 194 0.65 -13.32 2.65
N TYR A 195 1.11 -12.12 2.32
CA TYR A 195 1.70 -11.88 1.00
C TYR A 195 2.95 -12.76 0.81
N TRP A 196 3.84 -12.75 1.80
CA TRP A 196 5.05 -13.56 1.71
C TRP A 196 4.70 -15.03 1.56
N SER A 197 3.73 -15.49 2.33
CA SER A 197 3.29 -16.88 2.26
C SER A 197 2.74 -17.21 0.87
N ASP A 198 1.80 -16.39 0.40
CA ASP A 198 1.21 -16.62 -0.92
C ASP A 198 2.25 -16.61 -2.02
N THR A 199 3.27 -15.77 -1.87
CA THR A 199 4.33 -15.67 -2.84
C THR A 199 5.18 -16.92 -2.93
N LEU A 200 5.63 -17.44 -1.80
CA LEU A 200 6.45 -18.65 -1.81
C LEU A 200 5.63 -19.84 -2.30
N ILE A 201 4.36 -19.89 -1.90
CA ILE A 201 3.47 -20.98 -2.31
C ILE A 201 3.24 -20.97 -3.82
N THR A 202 3.06 -19.79 -4.39
CA THR A 202 2.83 -19.67 -5.82
C THR A 202 4.09 -20.05 -6.60
N LEU A 203 5.24 -19.63 -6.10
CA LEU A 203 6.51 -19.95 -6.74
C LEU A 203 6.75 -21.46 -6.80
N LEU A 204 6.50 -22.14 -5.67
CA LEU A 204 6.69 -23.58 -5.59
C LEU A 204 5.83 -24.39 -6.56
N VAL A 205 4.64 -23.87 -6.86
CA VAL A 205 3.73 -24.55 -7.78
C VAL A 205 3.91 -24.13 -9.23
N GLU A 206 4.14 -22.84 -9.46
CA GLU A 206 4.28 -22.34 -10.82
C GLU A 206 5.71 -22.25 -11.38
N HIS A 207 6.72 -22.23 -10.52
CA HIS A 207 8.09 -22.14 -10.99
C HIS A 207 8.87 -23.45 -10.84
N GLN A 208 9.20 -23.80 -9.61
CA GLN A 208 9.95 -25.03 -9.33
C GLN A 208 9.56 -25.65 -7.98
N LYS A 209 9.55 -26.97 -7.92
CA LYS A 209 9.21 -27.70 -6.70
C LYS A 209 10.22 -27.45 -5.58
N GLU A 210 11.44 -27.09 -5.96
CA GLU A 210 12.51 -26.80 -5.01
C GLU A 210 13.20 -25.52 -5.49
N ILE A 211 13.41 -24.57 -4.59
CA ILE A 211 14.01 -23.28 -4.92
C ILE A 211 14.94 -22.81 -3.81
N THR A 212 16.13 -22.32 -4.18
CA THR A 212 17.08 -21.84 -3.19
C THR A 212 16.71 -20.44 -2.70
N ILE A 213 17.27 -20.04 -1.57
CA ILE A 213 17.00 -18.72 -1.02
C ILE A 213 17.40 -17.66 -2.03
N ASP A 214 18.59 -17.80 -2.62
CA ASP A 214 19.07 -16.85 -3.62
C ASP A 214 18.07 -16.69 -4.75
N GLU A 215 17.61 -17.82 -5.29
CA GLU A 215 16.66 -17.80 -6.39
C GLU A 215 15.38 -17.08 -5.98
N ILE A 216 14.92 -17.33 -4.76
CA ILE A 216 13.71 -16.68 -4.27
C ILE A 216 13.89 -15.17 -4.17
N SER A 217 14.95 -14.71 -3.51
CA SER A 217 15.15 -13.28 -3.37
C SER A 217 15.37 -12.62 -4.73
N SER A 218 15.96 -13.34 -5.66
CA SER A 218 16.18 -12.80 -7.01
C SER A 218 14.87 -12.60 -7.74
N MET A 219 13.94 -13.54 -7.58
CA MET A 219 12.65 -13.47 -8.25
C MET A 219 11.61 -12.59 -7.55
N THR A 220 11.78 -12.37 -6.25
CA THR A 220 10.79 -11.63 -5.48
C THR A 220 11.25 -10.34 -4.80
N SER A 221 12.56 -10.18 -4.67
CA SER A 221 13.15 -9.03 -3.98
C SER A 221 12.90 -9.13 -2.47
N MET A 222 12.40 -10.28 -2.02
CA MET A 222 12.18 -10.47 -0.58
C MET A 222 13.56 -10.69 0.03
N THR A 223 13.79 -10.20 1.24
CA THR A 223 15.08 -10.38 1.90
C THR A 223 15.20 -11.79 2.45
N THR A 224 16.43 -12.20 2.72
CA THR A 224 16.69 -13.53 3.26
C THR A 224 15.90 -13.72 4.55
N THR A 225 15.92 -12.71 5.41
CA THR A 225 15.21 -12.79 6.68
C THR A 225 13.71 -13.04 6.54
N ASP A 226 13.06 -12.28 5.67
CA ASP A 226 11.62 -12.46 5.48
C ASP A 226 11.32 -13.80 4.81
N ILE A 227 12.23 -14.26 3.96
CA ILE A 227 12.05 -15.56 3.30
C ILE A 227 12.17 -16.71 4.31
N LEU A 228 13.22 -16.70 5.11
CA LEU A 228 13.44 -17.73 6.11
C LEU A 228 12.31 -17.80 7.14
N HIS A 229 11.90 -16.64 7.64
CA HIS A 229 10.82 -16.57 8.63
C HIS A 229 9.54 -17.17 8.04
N THR A 230 9.25 -16.84 6.79
CA THR A 230 8.07 -17.33 6.10
C THR A 230 8.17 -18.84 5.83
N ALA A 231 9.34 -19.28 5.37
CA ALA A 231 9.54 -20.70 5.09
C ALA A 231 9.42 -21.56 6.35
N LYS A 232 9.97 -21.07 7.46
CA LYS A 232 9.90 -21.81 8.73
C LYS A 232 8.45 -21.91 9.19
N THR A 233 7.70 -20.84 9.00
CA THR A 233 6.29 -20.84 9.40
C THR A 233 5.50 -21.89 8.63
N LEU A 234 5.81 -22.02 7.34
CA LEU A 234 5.13 -23.00 6.49
C LEU A 234 5.75 -24.39 6.58
N ASN A 235 6.85 -24.52 7.31
CA ASN A 235 7.54 -25.80 7.46
C ASN A 235 8.04 -26.32 6.11
N ILE A 236 8.59 -25.44 5.28
CA ILE A 236 9.06 -25.84 3.97
C ILE A 236 10.55 -25.60 3.77
N LEU A 237 11.29 -25.47 4.86
CA LEU A 237 12.73 -25.22 4.79
C LEU A 237 13.51 -26.52 4.87
N ARG A 238 14.41 -26.72 3.92
CA ARG A 238 15.25 -27.92 3.87
C ARG A 238 16.65 -27.62 3.33
N TYR A 239 17.45 -28.67 3.25
CA TYR A 239 18.82 -28.61 2.72
C TYR A 239 18.84 -29.62 1.58
N TYR A 240 19.22 -29.16 0.40
CA TYR A 240 19.29 -30.02 -0.78
C TYR A 240 20.39 -29.49 -1.71
N LYS A 241 21.15 -30.41 -2.31
CA LYS A 241 22.22 -30.04 -3.23
C LYS A 241 23.20 -29.03 -2.64
N GLY A 242 23.48 -29.15 -1.34
CA GLY A 242 24.44 -28.25 -0.71
C GLY A 242 23.97 -26.87 -0.25
N GLN A 243 22.67 -26.60 -0.28
CA GLN A 243 22.19 -25.30 0.17
C GLN A 243 20.72 -25.33 0.60
N HIS A 244 20.32 -24.31 1.35
CA HIS A 244 18.95 -24.22 1.83
C HIS A 244 17.96 -23.91 0.73
N ILE A 245 16.82 -24.60 0.79
CA ILE A 245 15.77 -24.44 -0.18
C ILE A 245 14.42 -24.52 0.49
N ILE A 246 13.38 -24.20 -0.27
CA ILE A 246 12.01 -24.35 0.21
C ILE A 246 11.50 -25.41 -0.75
N PHE A 247 10.58 -26.25 -0.30
CA PHE A 247 10.08 -27.31 -1.16
C PHE A 247 8.57 -27.39 -1.15
N LEU A 248 8.03 -28.03 -2.18
CA LEU A 248 6.60 -28.21 -2.33
C LEU A 248 6.16 -29.50 -1.62
N ASN A 249 4.95 -29.48 -1.09
CA ASN A 249 4.36 -30.65 -0.43
C ASN A 249 2.85 -30.53 -0.64
N GLU A 250 2.10 -31.56 -0.23
CA GLU A 250 0.65 -31.52 -0.43
C GLU A 250 0.00 -30.33 0.26
N ASP A 251 0.53 -29.93 1.41
CA ASP A 251 -0.02 -28.78 2.13
C ASP A 251 0.05 -27.54 1.23
N ILE A 252 1.23 -27.31 0.65
CA ILE A 252 1.44 -26.16 -0.24
C ILE A 252 0.50 -26.21 -1.44
N LEU A 253 0.37 -27.39 -2.06
CA LEU A 253 -0.52 -27.52 -3.21
C LEU A 253 -1.93 -27.16 -2.80
N ASP A 254 -2.36 -27.67 -1.65
CA ASP A 254 -3.68 -27.40 -1.11
C ASP A 254 -3.87 -25.88 -0.93
N ARG A 255 -2.88 -25.24 -0.32
CA ARG A 255 -2.94 -23.80 -0.10
C ARG A 255 -3.00 -23.06 -1.42
N TYR A 256 -2.19 -23.50 -2.39
CA TYR A 256 -2.15 -22.87 -3.70
C TYR A 256 -3.51 -22.91 -4.38
N ASN A 257 -4.15 -24.07 -4.39
CA ASN A 257 -5.45 -24.22 -5.01
C ASN A 257 -6.51 -23.37 -4.32
N ARG A 258 -6.44 -23.32 -2.99
CA ARG A 258 -7.39 -22.53 -2.23
C ARG A 258 -7.17 -21.05 -2.56
N LEU A 259 -5.91 -20.68 -2.73
CA LEU A 259 -5.56 -19.30 -3.07
C LEU A 259 -6.15 -19.00 -4.44
N LYS A 260 -5.87 -19.87 -5.41
CA LYS A 260 -6.36 -19.70 -6.76
C LYS A 260 -7.88 -19.68 -6.82
N ALA A 261 -8.50 -20.53 -5.99
CA ALA A 261 -9.95 -20.62 -5.94
C ALA A 261 -10.57 -19.25 -5.67
N LYS A 262 -9.85 -18.40 -4.96
CA LYS A 262 -10.34 -17.06 -4.64
C LYS A 262 -10.22 -16.11 -5.83
N LYS A 263 -9.61 -16.60 -6.91
CA LYS A 263 -9.39 -15.80 -8.12
C LYS A 263 -9.14 -14.33 -7.82
N ARG A 264 -8.04 -14.06 -7.12
CA ARG A 264 -7.65 -12.72 -6.75
C ARG A 264 -6.88 -12.03 -7.87
N ARG A 265 -7.01 -10.72 -7.94
CA ARG A 265 -6.31 -9.92 -8.95
C ARG A 265 -4.86 -9.79 -8.51
N THR A 266 -3.94 -9.71 -9.48
CA THR A 266 -2.52 -9.56 -9.17
C THR A 266 -1.89 -8.49 -10.06
N ILE A 267 -0.62 -8.17 -9.79
CA ILE A 267 0.10 -7.16 -10.55
C ILE A 267 0.84 -7.81 -11.71
N ASP A 268 0.74 -7.23 -12.91
CA ASP A 268 1.45 -7.74 -14.07
C ASP A 268 2.73 -6.94 -14.23
N PRO A 269 3.89 -7.55 -13.92
CA PRO A 269 5.19 -6.89 -14.02
C PRO A 269 5.43 -6.21 -15.36
N ASN A 270 4.89 -6.80 -16.43
CA ASN A 270 5.08 -6.26 -17.77
C ASN A 270 4.43 -4.89 -17.97
N ARG A 271 3.48 -4.54 -17.12
CA ARG A 271 2.79 -3.27 -17.26
C ARG A 271 3.41 -2.14 -16.44
N LEU A 272 4.51 -2.45 -15.75
CA LEU A 272 5.20 -1.43 -14.97
C LEU A 272 6.20 -0.77 -15.93
N ILE A 273 5.88 0.45 -16.34
CA ILE A 273 6.75 1.21 -17.25
C ILE A 273 7.42 2.18 -16.31
N TRP A 274 8.63 1.82 -15.88
CA TRP A 274 9.33 2.63 -14.90
C TRP A 274 10.82 2.32 -14.87
N LYS A 275 11.60 3.35 -14.62
CA LYS A 275 13.05 3.22 -14.55
C LYS A 275 13.48 3.87 -13.24
N PRO A 276 14.30 3.18 -12.43
CA PRO A 276 14.72 3.79 -11.18
C PRO A 276 15.58 5.02 -11.46
N PRO A 277 15.61 6.00 -10.53
CA PRO A 277 16.40 7.21 -10.72
C PRO A 277 17.87 6.91 -11.04
#